data_4JVT
#
_entry.id   4JVT
#
_cell.length_a   106.888
_cell.length_b   106.888
_cell.length_c   106.888
_cell.angle_alpha   90.00
_cell.angle_beta   90.00
_cell.angle_gamma   90.00
#
_symmetry.space_group_name_H-M   'P 21 3'
#
loop_
_entity.id
_entity.type
_entity.pdbx_description
1 polymer 'Enoyl-CoA hydratase'
2 non-polymer 'ACETYL COENZYME *A'
3 non-polymer 'ACETATE ION'
4 water water
#
_entity_poly.entity_id   1
_entity_poly.type   'polypeptide(L)'
_entity_poly.pdbx_seq_one_letter_code
;(MSE)HHHHHHSSGVDLGTENLYFQS(MSE)AQTKAPTAEELAAAGLTLTIDGEVARITLSRPHRRNA(MSE)TGR
(MSE)WTELARIGHTLPQAVRIVVITGEGPTFSSGIDLD(MSE)FQAGKVDGEPTPFTLLARDPNSTAALDQVIASYQEG
FLWLRRADIVSIAAVRGHAIGAGFQLALSCDIRILSDTAQLC(MSE)KEPALGLVPDLTGTQPLVELVGVNRAIELCLTA
RTIDAAEAAQLRLAERVVADAELDAAVDALVAQLLAVPAAAARATKELLLQAGRNDLATQARVERTAQLARLAELAKASA
APRRP
;
_entity_poly.pdbx_strand_id   A
#
loop_
_chem_comp.id
_chem_comp.type
_chem_comp.name
_chem_comp.formula
ACO non-polymer 'ACETYL COENZYME *A' 'C23 H38 N7 O17 P3 S'
ACT non-polymer 'ACETATE ION' 'C2 H3 O2 -1'
#
# COMPACT_ATOMS: atom_id res chain seq x y z
N GLN A 25 -5.32 -12.45 -13.49
CA GLN A 25 -5.44 -13.60 -14.46
C GLN A 25 -5.86 -14.77 -13.60
N THR A 26 -5.67 -15.99 -14.08
CA THR A 26 -5.68 -17.17 -13.20
C THR A 26 -4.21 -17.31 -12.79
N LYS A 27 -3.33 -17.01 -13.75
CA LYS A 27 -1.94 -17.20 -13.59
C LYS A 27 -1.34 -15.96 -12.93
N ALA A 28 -0.57 -16.24 -11.90
CA ALA A 28 0.25 -15.25 -11.35
C ALA A 28 1.23 -14.70 -12.37
N PRO A 29 1.52 -13.44 -12.28
CA PRO A 29 2.56 -12.85 -13.13
C PRO A 29 3.88 -13.58 -12.91
N THR A 30 4.64 -13.77 -13.97
CA THR A 30 5.98 -14.31 -13.83
C THR A 30 7.00 -13.28 -13.41
N ALA A 31 8.15 -13.75 -12.91
CA ALA A 31 9.22 -12.80 -12.64
C ALA A 31 9.67 -12.00 -13.85
N GLU A 32 9.69 -12.63 -15.03
CA GLU A 32 10.02 -11.88 -16.23
C GLU A 32 8.98 -10.79 -16.54
N GLU A 33 7.72 -11.16 -16.45
CA GLU A 33 6.65 -10.18 -16.70
C GLU A 33 6.71 -9.01 -15.71
N LEU A 34 6.95 -9.35 -14.46
CA LEU A 34 7.07 -8.33 -13.40
C LEU A 34 8.27 -7.43 -13.63
N ALA A 35 9.38 -7.97 -14.09
CA ALA A 35 10.58 -7.16 -14.33
C ALA A 35 10.27 -6.19 -15.44
N ALA A 36 9.48 -6.58 -16.44
CA ALA A 36 9.12 -5.67 -17.53
C ALA A 36 8.22 -4.54 -17.06
N ALA A 37 7.52 -4.75 -15.97
CA ALA A 37 6.71 -3.75 -15.38
C ALA A 37 7.38 -2.99 -14.21
N GLY A 38 8.65 -3.26 -13.97
CA GLY A 38 9.31 -2.57 -12.93
C GLY A 38 9.14 -3.06 -11.53
N LEU A 39 8.87 -4.34 -11.36
CA LEU A 39 8.59 -4.95 -10.08
C LEU A 39 9.33 -6.29 -9.91
N THR A 40 9.54 -6.63 -8.65
CA THR A 40 10.00 -7.94 -8.19
CA THR A 40 9.91 -7.99 -8.24
C THR A 40 9.03 -8.45 -7.13
N LEU A 41 8.75 -9.75 -7.16
CA LEU A 41 7.93 -10.38 -6.12
C LEU A 41 8.64 -11.61 -5.64
N THR A 42 8.85 -11.74 -4.34
CA THR A 42 9.26 -12.95 -3.76
C THR A 42 8.35 -13.38 -2.65
N ILE A 43 8.12 -14.70 -2.60
CA ILE A 43 7.25 -15.25 -1.58
C ILE A 43 8.01 -16.23 -0.75
N ASP A 44 7.99 -16.08 0.56
CA ASP A 44 8.60 -17.04 1.46
C ASP A 44 7.57 -17.41 2.49
N GLY A 45 6.95 -18.57 2.30
CA GLY A 45 5.85 -19.02 3.14
C GLY A 45 4.65 -18.08 3.22
N GLU A 46 4.51 -17.43 4.35
CA GLU A 46 3.35 -16.56 4.62
C GLU A 46 3.60 -15.12 4.27
N VAL A 47 4.77 -14.79 3.78
CA VAL A 47 5.18 -13.41 3.53
C VAL A 47 5.53 -13.15 2.09
N ALA A 48 4.92 -12.18 1.46
CA ALA A 48 5.29 -11.77 0.11
C ALA A 48 5.98 -10.43 0.13
N ARG A 49 7.04 -10.26 -0.63
CA ARG A 49 7.74 -9.01 -0.67
C ARG A 49 7.68 -8.48 -2.10
N ILE A 50 7.10 -7.33 -2.29
CA ILE A 50 7.01 -6.67 -3.60
C ILE A 50 8.01 -5.50 -3.55
N THR A 51 8.89 -5.43 -4.53
CA THR A 51 9.88 -4.39 -4.58
C THR A 51 9.69 -3.60 -5.85
N LEU A 52 9.55 -2.28 -5.74
CA LEU A 52 9.53 -1.40 -6.89
C LEU A 52 10.98 -1.35 -7.39
N SER A 53 11.19 -1.65 -8.67
CA SER A 53 12.51 -2.03 -9.20
C SER A 53 12.85 -1.20 -10.44
N ARG A 54 12.70 0.11 -10.41
N ARG A 54 12.75 0.10 -10.37
CA ARG A 54 13.17 1.01 -11.49
CA ARG A 54 13.24 0.99 -11.43
C ARG A 54 14.02 2.12 -10.82
C ARG A 54 14.04 2.12 -10.80
N PRO A 55 15.11 1.76 -10.10
CA PRO A 55 15.86 2.78 -9.37
C PRO A 55 16.43 3.82 -10.28
N HIS A 56 16.71 3.49 -11.55
CA HIS A 56 17.17 4.45 -12.51
CA HIS A 56 17.19 4.50 -12.47
C HIS A 56 16.21 5.59 -12.81
N ARG A 57 14.92 5.35 -12.55
CA ARG A 57 13.88 6.35 -12.69
C ARG A 57 13.29 6.66 -11.33
N ARG A 58 14.02 6.35 -10.26
CA ARG A 58 13.50 6.60 -8.89
C ARG A 58 12.17 5.94 -8.66
N ASN A 59 11.98 4.75 -9.21
CA ASN A 59 10.79 3.95 -9.05
C ASN A 59 9.53 4.69 -9.46
N ALA A 60 9.64 5.56 -10.48
CA ALA A 60 8.45 6.19 -11.05
C ALA A 60 7.50 5.08 -11.54
N MSE A 61 6.20 5.29 -11.36
CA MSE A 61 5.17 4.28 -11.66
C MSE A 61 4.53 4.44 -12.98
O MSE A 61 4.39 5.53 -13.49
CB MSE A 61 4.10 4.43 -10.54
CG MSE A 61 4.76 4.35 -9.17
SE MSE A 61 3.42 4.13 -7.70
CE MSE A 61 3.35 2.18 -7.86
N THR A 62 4.10 3.35 -13.53
CA THR A 62 3.47 3.35 -14.83
C THR A 62 2.19 2.57 -14.80
N GLY A 63 1.38 2.71 -15.84
CA GLY A 63 0.15 1.93 -15.96
C GLY A 63 0.38 0.43 -15.86
N ARG A 64 1.38 -0.07 -16.52
CA ARG A 64 1.73 -1.47 -16.45
C ARG A 64 2.05 -1.93 -15.04
N MSE A 65 2.79 -1.12 -14.30
CA MSE A 65 3.15 -1.37 -12.92
C MSE A 65 1.82 -1.54 -12.12
O MSE A 65 1.66 -2.49 -11.31
CB MSE A 65 4.06 -0.30 -12.30
CG MSE A 65 4.47 -0.75 -10.93
SE MSE A 65 5.55 0.71 -10.15
CE MSE A 65 7.18 0.54 -11.14
N TRP A 66 0.90 -0.59 -12.29
CA TRP A 66 -0.32 -0.63 -11.51
C TRP A 66 -1.16 -1.86 -11.81
N THR A 67 -1.31 -2.15 -13.08
CA THR A 67 -2.11 -3.33 -13.43
C THR A 67 -1.43 -4.65 -13.04
N GLU A 68 -0.10 -4.68 -13.04
CA GLU A 68 0.59 -5.88 -12.57
C GLU A 68 0.49 -5.98 -11.03
N LEU A 69 0.52 -4.87 -10.30
CA LEU A 69 0.22 -4.95 -8.87
C LEU A 69 -1.16 -5.53 -8.58
N ALA A 70 -2.16 -5.17 -9.38
CA ALA A 70 -3.48 -5.71 -9.23
C ALA A 70 -3.42 -7.23 -9.48
N ARG A 71 -2.66 -7.66 -10.51
CA ARG A 71 -2.66 -9.08 -10.85
C ARG A 71 -1.93 -9.85 -9.77
N ILE A 72 -0.87 -9.26 -9.20
CA ILE A 72 -0.23 -9.91 -8.06
C ILE A 72 -1.27 -10.13 -6.92
N GLY A 73 -2.02 -9.08 -6.62
CA GLY A 73 -3.07 -9.19 -5.60
C GLY A 73 -4.08 -10.29 -5.85
N HIS A 74 -4.53 -10.37 -7.10
CA HIS A 74 -5.63 -11.25 -7.46
CA HIS A 74 -5.64 -11.24 -7.49
C HIS A 74 -5.17 -12.72 -7.47
N THR A 75 -3.85 -12.94 -7.62
CA THR A 75 -3.34 -14.29 -7.75
C THR A 75 -2.45 -14.75 -6.61
N LEU A 76 -2.38 -13.99 -5.52
CA LEU A 76 -1.50 -14.37 -4.43
C LEU A 76 -1.92 -15.70 -3.85
N PRO A 77 -0.97 -16.57 -3.54
CA PRO A 77 -1.27 -17.79 -2.84
C PRO A 77 -2.06 -17.54 -1.56
N GLN A 78 -2.97 -18.46 -1.28
CA GLN A 78 -3.82 -18.35 -0.07
C GLN A 78 -3.00 -18.25 1.25
N ALA A 79 -1.84 -18.85 1.26
CA ALA A 79 -1.00 -18.86 2.48
C ALA A 79 -0.36 -17.53 2.78
N VAL A 80 -0.29 -16.63 1.85
CA VAL A 80 0.33 -15.34 2.09
C VAL A 80 -0.61 -14.49 2.96
N ARG A 81 -0.09 -14.03 4.08
CA ARG A 81 -0.92 -13.13 4.92
C ARG A 81 -0.27 -11.82 5.21
N ILE A 82 0.99 -11.64 4.81
CA ILE A 82 1.71 -10.40 5.02
C ILE A 82 2.32 -9.99 3.70
N VAL A 83 2.21 -8.75 3.31
CA VAL A 83 2.77 -8.24 2.08
C VAL A 83 3.64 -7.03 2.42
N VAL A 84 4.93 -7.02 2.08
CA VAL A 84 5.78 -5.88 2.35
C VAL A 84 6.08 -5.22 1.02
N ILE A 85 5.90 -3.93 0.91
CA ILE A 85 6.22 -3.17 -0.28
C ILE A 85 7.41 -2.29 0.04
N THR A 86 8.47 -2.37 -0.77
CA THR A 86 9.71 -1.64 -0.59
CA THR A 86 9.56 -1.44 -0.63
C THR A 86 10.11 -1.11 -2.01
N GLY A 87 11.03 -0.18 -2.03
CA GLY A 87 11.69 0.27 -3.28
C GLY A 87 13.11 -0.16 -3.31
N GLU A 88 13.63 -0.33 -4.51
CA GLU A 88 15.09 -0.49 -4.70
C GLU A 88 15.73 0.87 -4.77
N GLY A 89 16.84 1.05 -4.07
CA GLY A 89 17.54 2.33 -4.12
C GLY A 89 17.09 3.25 -3.02
N PRO A 90 17.46 4.54 -3.12
CA PRO A 90 17.23 5.49 -1.98
C PRO A 90 15.88 6.15 -2.00
N THR A 91 15.08 5.94 -3.07
CA THR A 91 13.78 6.61 -3.21
C THR A 91 12.69 5.55 -3.35
N PHE A 92 11.68 5.59 -2.50
CA PHE A 92 10.57 4.71 -2.56
C PHE A 92 9.86 4.83 -3.92
N SER A 93 9.37 6.02 -4.26
CA SER A 93 8.82 6.28 -5.59
C SER A 93 8.63 7.74 -5.81
N SER A 94 9.10 8.19 -6.97
CA SER A 94 8.91 9.52 -7.40
C SER A 94 7.54 9.79 -8.01
N GLY A 95 6.63 8.87 -7.91
CA GLY A 95 5.28 9.05 -8.40
C GLY A 95 5.14 8.62 -9.86
N ILE A 96 4.17 9.17 -10.53
CA ILE A 96 3.87 8.76 -11.90
CA ILE A 96 3.88 8.76 -11.90
C ILE A 96 5.07 9.08 -12.81
N ASP A 97 5.41 8.15 -13.69
CA ASP A 97 6.45 8.46 -14.68
C ASP A 97 5.92 9.57 -15.60
N LEU A 98 6.73 10.59 -15.77
CA LEU A 98 6.27 11.74 -16.55
C LEU A 98 6.02 11.40 -18.03
N ASP A 99 6.60 10.29 -18.47
CA ASP A 99 6.22 9.79 -19.80
C ASP A 99 4.74 9.38 -19.97
N MSE A 100 4.06 9.07 -18.87
CA MSE A 100 2.65 8.74 -18.91
C MSE A 100 1.78 9.89 -19.40
O MSE A 100 0.64 9.65 -19.87
CB MSE A 100 2.09 8.34 -17.55
CG MSE A 100 2.47 6.95 -16.95
SE MSE A 100 1.81 5.43 -18.04
CE MSE A 100 -0.12 5.45 -17.48
N PHE A 101 2.29 11.12 -19.31
CA PHE A 101 1.50 12.26 -19.82
C PHE A 101 1.87 12.61 -21.24
N GLN A 102 2.31 11.63 -22.02
CA GLN A 102 2.42 11.81 -23.49
C GLN A 102 1.79 10.67 -24.31
N ALA A 103 1.70 10.91 -25.62
CA ALA A 103 1.08 9.97 -26.58
C ALA A 103 1.64 8.54 -26.55
N GLY A 104 2.95 8.38 -26.71
CA GLY A 104 3.55 7.03 -26.95
C GLY A 104 3.36 6.01 -25.83
N LYS A 105 3.59 4.73 -26.14
CA LYS A 105 3.55 3.63 -25.17
C LYS A 105 4.53 3.78 -23.99
N VAL A 106 4.14 3.29 -22.82
CA VAL A 106 5.05 3.22 -21.69
C VAL A 106 5.03 1.76 -21.19
N ASP A 107 6.21 1.22 -20.85
CA ASP A 107 6.31 -0.20 -20.43
C ASP A 107 5.61 -1.17 -21.40
N GLY A 108 5.55 -0.77 -22.67
CA GLY A 108 4.88 -1.55 -23.72
C GLY A 108 3.39 -1.30 -23.85
N GLU A 109 2.77 -0.76 -22.80
CA GLU A 109 1.33 -0.48 -22.82
C GLU A 109 1.11 0.97 -23.30
N PRO A 110 -0.02 1.21 -24.01
CA PRO A 110 -0.38 2.55 -24.46
C PRO A 110 -0.91 3.43 -23.32
N THR A 111 -0.43 4.68 -23.25
CA THR A 111 -0.82 5.60 -22.14
C THR A 111 -2.25 6.16 -22.30
N PRO A 112 -2.80 6.74 -21.22
CA PRO A 112 -3.85 7.73 -21.41
C PRO A 112 -3.33 8.98 -22.15
N SER A 122 -14.95 6.40 -24.59
CA SER A 122 -13.94 7.48 -24.66
C SER A 122 -13.64 8.02 -23.24
N THR A 123 -14.52 8.87 -22.71
CA THR A 123 -14.48 9.19 -21.28
C THR A 123 -14.80 7.89 -20.48
N ALA A 124 -15.76 7.10 -20.99
CA ALA A 124 -16.07 5.79 -20.40
C ALA A 124 -14.82 4.85 -20.38
N ALA A 125 -14.09 4.89 -21.48
CA ALA A 125 -12.88 4.09 -21.65
C ALA A 125 -11.81 4.49 -20.62
N LEU A 126 -11.63 5.80 -20.52
CA LEU A 126 -10.66 6.36 -19.58
C LEU A 126 -11.04 6.01 -18.16
N ASP A 127 -12.32 6.06 -17.86
CA ASP A 127 -12.81 5.74 -16.56
C ASP A 127 -12.45 4.26 -16.23
N GLN A 128 -12.64 3.39 -17.22
CA GLN A 128 -12.29 1.97 -17.05
C GLN A 128 -10.79 1.77 -16.83
N VAL A 129 -10.00 2.53 -17.53
CA VAL A 129 -8.58 2.44 -17.36
C VAL A 129 -8.14 2.87 -15.96
N ILE A 130 -8.62 4.04 -15.50
CA ILE A 130 -8.26 4.49 -14.16
C ILE A 130 -8.74 3.50 -13.12
N ALA A 131 -9.92 2.92 -13.29
CA ALA A 131 -10.44 1.91 -12.36
C ALA A 131 -9.46 0.70 -12.31
N SER A 132 -8.95 0.33 -13.48
CA SER A 132 -7.99 -0.78 -13.55
C SER A 132 -6.72 -0.46 -12.78
N TYR A 133 -6.28 0.81 -12.77
CA TYR A 133 -5.10 1.19 -12.02
C TYR A 133 -5.38 1.18 -10.55
N GLN A 134 -6.52 1.71 -10.14
CA GLN A 134 -6.88 1.70 -8.73
C GLN A 134 -6.94 0.32 -8.12
N GLU A 135 -7.25 -0.73 -8.88
CA GLU A 135 -7.20 -2.09 -8.42
C GLU A 135 -5.84 -2.48 -7.92
N GLY A 136 -4.77 -1.85 -8.42
CA GLY A 136 -3.45 -2.15 -7.91
C GLY A 136 -3.20 -1.73 -6.52
N PHE A 137 -4.04 -0.83 -5.95
CA PHE A 137 -3.92 -0.29 -4.61
C PHE A 137 -5.04 -0.81 -3.70
N LEU A 138 -6.24 -1.06 -4.23
CA LEU A 138 -7.38 -1.44 -3.38
C LEU A 138 -7.17 -2.73 -2.65
N TRP A 139 -6.46 -3.70 -3.25
CA TRP A 139 -6.32 -5.03 -2.65
C TRP A 139 -5.48 -5.02 -1.37
N LEU A 140 -4.70 -3.99 -1.15
CA LEU A 140 -3.84 -3.87 0.01
C LEU A 140 -4.65 -3.71 1.29
N ARG A 141 -5.93 -3.45 1.14
CA ARG A 141 -6.87 -3.40 2.28
C ARG A 141 -7.48 -4.72 2.65
N ARG A 142 -7.28 -5.77 1.86
CA ARG A 142 -7.90 -7.06 2.09
C ARG A 142 -7.72 -7.51 3.55
N ALA A 143 -8.79 -8.07 4.10
CA ALA A 143 -8.73 -8.49 5.51
C ALA A 143 -7.76 -9.62 5.72
N ASP A 144 -7.47 -10.45 4.70
CA ASP A 144 -6.62 -11.59 4.85
C ASP A 144 -5.14 -11.29 4.70
N ILE A 145 -4.77 -10.03 4.54
CA ILE A 145 -3.37 -9.67 4.54
C ILE A 145 -3.15 -8.48 5.44
N VAL A 146 -1.93 -8.39 5.91
CA VAL A 146 -1.42 -7.14 6.51
C VAL A 146 -0.39 -6.62 5.56
N SER A 147 -0.62 -5.40 5.06
CA SER A 147 0.26 -4.81 4.12
C SER A 147 1.09 -3.73 4.78
N ILE A 148 2.38 -3.72 4.44
CA ILE A 148 3.37 -2.87 5.12
C ILE A 148 4.19 -2.14 4.04
N ALA A 149 4.28 -0.81 4.10
CA ALA A 149 5.14 -0.06 3.20
C ALA A 149 6.38 0.32 3.98
N ALA A 150 7.54 0.01 3.44
CA ALA A 150 8.81 0.35 4.06
C ALA A 150 9.48 1.41 3.20
N VAL A 151 9.46 2.66 3.67
CA VAL A 151 9.66 3.82 2.78
C VAL A 151 11.01 4.50 3.14
N ARG A 152 11.91 4.60 2.15
CA ARG A 152 13.16 5.40 2.18
CA ARG A 152 13.01 5.52 2.34
C ARG A 152 12.96 6.56 1.24
N GLY A 153 13.53 7.73 1.54
CA GLY A 153 13.54 8.82 0.59
C GLY A 153 12.15 9.25 0.23
N HIS A 154 12.01 9.78 -0.96
CA HIS A 154 10.76 10.39 -1.37
C HIS A 154 9.73 9.35 -1.72
N ALA A 155 8.49 9.66 -1.28
CA ALA A 155 7.26 8.96 -1.72
C ALA A 155 6.34 10.06 -2.17
N ILE A 156 6.25 10.27 -3.44
CA ILE A 156 5.59 11.42 -4.06
C ILE A 156 4.35 10.97 -4.83
N GLY A 157 3.20 11.64 -4.63
CA GLY A 157 2.04 11.46 -5.49
C GLY A 157 1.55 10.05 -5.42
N ALA A 158 1.56 9.40 -6.59
CA ALA A 158 1.20 7.96 -6.62
C ALA A 158 1.95 7.09 -5.64
N GLY A 159 3.24 7.46 -5.43
CA GLY A 159 4.04 6.79 -4.45
C GLY A 159 3.61 6.93 -3.03
N PHE A 160 3.19 8.15 -2.67
CA PHE A 160 2.58 8.41 -1.37
C PHE A 160 1.30 7.66 -1.23
N GLN A 161 0.48 7.65 -2.28
CA GLN A 161 -0.74 6.91 -2.24
C GLN A 161 -0.57 5.42 -2.08
N LEU A 162 0.50 4.86 -2.67
CA LEU A 162 0.78 3.46 -2.47
C LEU A 162 1.10 3.21 -0.98
N ALA A 163 1.92 4.06 -0.40
CA ALA A 163 2.24 3.91 1.02
C ALA A 163 1.01 4.06 1.92
N LEU A 164 0.12 4.97 1.57
CA LEU A 164 -1.14 5.23 2.29
C LEU A 164 -2.10 4.06 2.19
N SER A 165 -2.01 3.32 1.13
CA SER A 165 -2.89 2.21 0.85
C SER A 165 -2.56 0.98 1.69
N CYS A 166 -1.35 0.94 2.20
CA CYS A 166 -0.93 -0.16 3.07
C CYS A 166 -1.48 0.02 4.47
N ASP A 167 -1.62 -1.06 5.20
CA ASP A 167 -2.04 -0.96 6.58
C ASP A 167 -1.07 -0.17 7.44
N ILE A 168 0.23 -0.44 7.27
CA ILE A 168 1.25 0.07 8.13
C ILE A 168 2.40 0.70 7.33
N ARG A 169 2.93 1.83 7.75
CA ARG A 169 4.11 2.40 7.18
C ARG A 169 5.25 2.42 8.18
N ILE A 170 6.38 1.91 7.76
CA ILE A 170 7.60 2.07 8.55
CA ILE A 170 7.61 2.06 8.55
C ILE A 170 8.48 2.94 7.66
N LEU A 171 8.90 4.08 8.22
CA LEU A 171 9.74 5.01 7.51
C LEU A 171 11.17 4.98 7.98
N SER A 172 12.08 5.09 7.01
CA SER A 172 13.45 5.53 7.32
C SER A 172 13.45 6.98 7.75
N ASP A 173 14.44 7.38 8.49
CA ASP A 173 14.64 8.76 8.79
CA ASP A 173 14.69 8.76 8.81
C ASP A 173 14.94 9.62 7.57
N THR A 174 15.22 8.99 6.41
CA THR A 174 15.34 9.72 5.17
C THR A 174 14.05 9.99 4.43
N ALA A 175 12.94 9.46 4.89
CA ALA A 175 11.70 9.53 4.15
C ALA A 175 11.15 10.95 4.01
N GLN A 176 10.58 11.26 2.86
CA GLN A 176 9.97 12.56 2.56
CA GLN A 176 9.93 12.54 2.62
C GLN A 176 8.66 12.23 1.86
N LEU A 177 7.54 12.77 2.27
CA LEU A 177 6.25 12.43 1.69
C LEU A 177 5.64 13.65 1.07
N CYS A 178 5.00 13.51 -0.07
CA CYS A 178 4.41 14.72 -0.73
C CYS A 178 3.21 14.30 -1.56
N MSE A 179 2.04 14.90 -1.32
CA MSE A 179 0.89 14.70 -2.24
C MSE A 179 0.95 15.71 -3.32
O MSE A 179 0.42 16.87 -3.17
CB MSE A 179 -0.46 14.76 -1.52
CG MSE A 179 -1.64 14.24 -2.37
SE MSE A 179 -1.47 12.26 -2.65
CE MSE A 179 -2.25 11.79 -0.92
N LYS A 180 1.64 15.42 -4.38
CA LYS A 180 1.99 16.36 -5.39
C LYS A 180 0.90 16.67 -6.42
N GLU A 181 -0.07 15.77 -6.56
CA GLU A 181 -0.98 15.86 -7.69
C GLU A 181 -1.59 17.26 -7.91
N PRO A 182 -2.05 17.93 -6.82
CA PRO A 182 -2.74 19.18 -7.08
C PRO A 182 -1.80 20.24 -7.73
N ALA A 183 -0.51 20.18 -7.40
CA ALA A 183 0.47 21.09 -7.99
C ALA A 183 0.59 20.89 -9.49
N LEU A 184 0.29 19.68 -9.99
CA LEU A 184 0.26 19.33 -11.41
C LEU A 184 -1.09 19.58 -12.07
N GLY A 185 -2.08 20.07 -11.34
CA GLY A 185 -3.39 20.30 -11.91
C GLY A 185 -4.31 19.10 -11.80
N LEU A 186 -3.94 18.09 -11.02
CA LEU A 186 -4.63 16.83 -10.93
C LEU A 186 -5.18 16.63 -9.52
N VAL A 187 -6.05 15.64 -9.30
CA VAL A 187 -6.45 15.22 -7.95
C VAL A 187 -5.71 13.93 -7.60
N PRO A 188 -5.65 13.58 -6.34
CA PRO A 188 -5.20 12.20 -6.00
C PRO A 188 -6.28 11.20 -6.35
N ASP A 189 -6.03 10.30 -7.29
CA ASP A 189 -7.04 9.35 -7.71
C ASP A 189 -6.62 7.92 -7.67
N LEU A 190 -5.60 7.61 -6.88
CA LEU A 190 -5.19 6.24 -6.69
C LEU A 190 -5.51 5.72 -5.30
N THR A 191 -6.60 6.21 -4.74
CA THR A 191 -7.20 5.72 -3.54
C THR A 191 -6.60 6.26 -2.27
N GLY A 192 -5.74 7.26 -2.36
CA GLY A 192 -5.05 7.79 -1.21
C GLY A 192 -5.86 8.75 -0.37
N THR A 193 -6.96 9.30 -0.89
CA THR A 193 -7.65 10.36 -0.12
C THR A 193 -8.23 9.85 1.17
N GLN A 194 -8.86 8.69 1.15
CA GLN A 194 -9.47 8.16 2.35
C GLN A 194 -8.48 7.84 3.45
N PRO A 195 -7.38 7.09 3.17
CA PRO A 195 -6.41 6.82 4.25
C PRO A 195 -5.74 8.10 4.74
N LEU A 196 -5.50 9.06 3.87
CA LEU A 196 -4.90 10.29 4.29
C LEU A 196 -5.79 10.96 5.35
N VAL A 197 -7.08 11.08 5.02
CA VAL A 197 -7.98 11.74 5.94
C VAL A 197 -8.07 10.98 7.24
N GLU A 198 -8.13 9.62 7.15
CA GLU A 198 -8.17 8.80 8.39
C GLU A 198 -6.96 9.07 9.26
N LEU A 199 -5.80 9.12 8.70
CA LEU A 199 -4.54 9.24 9.41
C LEU A 199 -4.40 10.62 10.04
N VAL A 200 -4.60 11.65 9.24
CA VAL A 200 -4.27 13.03 9.68
C VAL A 200 -5.42 13.93 9.96
N GLY A 201 -6.65 13.52 9.64
CA GLY A 201 -7.82 14.34 9.77
C GLY A 201 -8.03 15.19 8.54
N VAL A 202 -9.26 15.53 8.26
CA VAL A 202 -9.58 16.30 7.07
C VAL A 202 -8.82 17.62 6.94
N ASN A 203 -8.65 18.28 8.11
CA ASN A 203 -8.08 19.62 8.09
C ASN A 203 -6.62 19.57 7.69
N ARG A 204 -5.81 18.73 8.32
CA ARG A 204 -4.45 18.58 7.92
C ARG A 204 -4.33 18.02 6.49
N ALA A 205 -5.26 17.16 6.08
CA ALA A 205 -5.23 16.65 4.75
C ALA A 205 -5.38 17.75 3.72
N ILE A 206 -6.28 18.70 3.99
CA ILE A 206 -6.46 19.87 3.13
C ILE A 206 -5.15 20.65 3.06
N GLU A 207 -4.52 20.91 4.22
CA GLU A 207 -3.30 21.67 4.24
C GLU A 207 -2.21 20.93 3.43
N LEU A 208 -2.03 19.63 3.59
CA LEU A 208 -0.96 18.93 2.91
C LEU A 208 -1.23 18.90 1.38
N CYS A 209 -2.47 18.60 0.99
CA CYS A 209 -2.76 18.44 -0.41
C CYS A 209 -2.84 19.77 -1.16
N LEU A 210 -3.40 20.81 -0.57
CA LEU A 210 -3.59 22.08 -1.26
C LEU A 210 -2.35 22.96 -1.23
N THR A 211 -1.33 22.62 -0.42
CA THR A 211 -0.02 23.20 -0.53
C THR A 211 0.95 22.33 -1.37
N ALA A 212 0.63 21.04 -1.50
CA ALA A 212 1.46 20.03 -2.18
C ALA A 212 2.89 20.10 -1.55
N ARG A 213 2.97 20.28 -0.24
CA ARG A 213 4.25 20.43 0.39
C ARG A 213 4.91 19.09 0.72
N THR A 214 6.22 19.12 0.95
CA THR A 214 6.92 17.87 1.27
C THR A 214 7.15 17.80 2.77
N ILE A 215 6.88 16.70 3.41
CA ILE A 215 7.12 16.58 4.82
C ILE A 215 8.19 15.54 5.14
N ASP A 216 8.98 15.81 6.13
CA ASP A 216 10.03 14.89 6.53
C ASP A 216 9.56 13.83 7.51
N ALA A 217 10.43 12.89 7.83
CA ALA A 217 10.02 11.73 8.63
C ALA A 217 9.59 12.13 10.05
N ALA A 218 10.22 13.14 10.62
CA ALA A 218 9.85 13.60 11.94
C ALA A 218 8.39 14.09 11.91
N GLU A 219 8.10 14.92 10.94
CA GLU A 219 6.73 15.43 10.81
C GLU A 219 5.77 14.31 10.52
N ALA A 220 6.16 13.38 9.63
CA ALA A 220 5.33 12.23 9.34
C ALA A 220 4.97 11.42 10.59
N ALA A 221 5.92 11.25 11.48
CA ALA A 221 5.67 10.55 12.75
C ALA A 221 4.74 11.37 13.63
N GLN A 222 4.95 12.66 13.71
CA GLN A 222 4.08 13.52 14.53
C GLN A 222 2.62 13.44 14.05
N LEU A 223 2.44 13.39 12.73
CA LEU A 223 1.10 13.33 12.13
C LEU A 223 0.49 11.92 12.01
N ARG A 224 1.11 10.90 12.54
CA ARG A 224 0.56 9.53 12.48
C ARG A 224 0.67 8.93 11.14
N LEU A 225 1.43 9.54 10.22
CA LEU A 225 1.66 8.93 8.90
C LEU A 225 2.62 7.80 8.93
N ALA A 226 3.46 7.70 9.93
CA ALA A 226 4.30 6.56 10.07
C ALA A 226 3.94 5.91 11.37
N GLU A 227 3.83 4.59 11.41
CA GLU A 227 3.70 3.85 12.66
C GLU A 227 5.02 3.74 13.37
N ARG A 228 6.12 3.73 12.59
CA ARG A 228 7.46 3.75 13.18
C ARG A 228 8.45 4.44 12.24
N VAL A 229 9.42 5.13 12.81
CA VAL A 229 10.51 5.74 12.07
C VAL A 229 11.81 5.20 12.65
N VAL A 230 12.67 4.67 11.81
CA VAL A 230 13.94 4.13 12.22
C VAL A 230 15.06 4.67 11.38
N ALA A 231 16.28 4.53 11.89
CA ALA A 231 17.42 4.90 11.10
C ALA A 231 17.43 4.10 9.79
N ASP A 232 17.91 4.76 8.73
CA ASP A 232 17.93 4.12 7.38
C ASP A 232 18.54 2.74 7.35
N ALA A 233 19.63 2.58 8.04
CA ALA A 233 20.32 1.29 8.07
C ALA A 233 19.57 0.20 8.79
N GLU A 234 18.56 0.58 9.57
CA GLU A 234 17.80 -0.33 10.40
CA GLU A 234 17.82 -0.34 10.40
C GLU A 234 16.43 -0.66 9.79
N LEU A 235 16.08 -0.08 8.65
CA LEU A 235 14.73 -0.25 8.09
C LEU A 235 14.42 -1.73 7.81
N ASP A 236 15.34 -2.50 7.19
CA ASP A 236 15.07 -3.89 6.90
C ASP A 236 14.86 -4.68 8.18
N ALA A 237 15.65 -4.40 9.21
CA ALA A 237 15.51 -5.11 10.48
C ALA A 237 14.20 -4.77 11.15
N ALA A 238 13.78 -3.50 11.07
CA ALA A 238 12.50 -3.05 11.66
C ALA A 238 11.34 -3.75 10.99
N VAL A 239 11.39 -3.87 9.67
CA VAL A 239 10.35 -4.60 8.92
C VAL A 239 10.36 -6.08 9.34
N ASP A 240 11.52 -6.68 9.44
CA ASP A 240 11.57 -8.06 9.87
C ASP A 240 11.01 -8.29 11.27
N ALA A 241 11.29 -7.36 12.17
CA ALA A 241 10.76 -7.47 13.53
C ALA A 241 9.24 -7.37 13.59
N LEU A 242 8.69 -6.50 12.77
CA LEU A 242 7.23 -6.35 12.66
C LEU A 242 6.63 -7.62 12.06
N VAL A 243 7.24 -8.15 11.03
CA VAL A 243 6.77 -9.36 10.40
C VAL A 243 6.76 -10.49 11.41
N ALA A 244 7.82 -10.62 12.20
CA ALA A 244 7.85 -11.67 13.22
C ALA A 244 6.70 -11.49 14.24
N GLN A 245 6.42 -10.25 14.70
CA GLN A 245 5.33 -10.05 15.60
C GLN A 245 4.04 -10.46 14.99
N LEU A 246 3.82 -10.12 13.75
CA LEU A 246 2.56 -10.45 13.06
C LEU A 246 2.39 -11.97 12.91
N LEU A 247 3.47 -12.66 12.54
CA LEU A 247 3.40 -14.10 12.31
C LEU A 247 3.08 -14.82 13.61
N ALA A 248 3.44 -14.25 14.76
CA ALA A 248 3.22 -14.93 16.04
C ALA A 248 1.76 -14.96 16.43
N VAL A 249 0.92 -14.13 15.81
CA VAL A 249 -0.51 -14.10 16.09
C VAL A 249 -1.20 -15.05 15.09
N PRO A 250 -2.08 -15.95 15.54
CA PRO A 250 -2.72 -16.87 14.56
C PRO A 250 -3.41 -16.18 13.40
N ALA A 251 -3.25 -16.73 12.22
CA ALA A 251 -3.77 -16.15 11.01
C ALA A 251 -5.27 -15.85 11.04
N ALA A 252 -6.07 -16.81 11.56
CA ALA A 252 -7.50 -16.61 11.43
C ALA A 252 -8.00 -15.49 12.33
N ALA A 253 -7.39 -15.39 13.52
CA ALA A 253 -7.76 -14.32 14.45
C ALA A 253 -7.26 -12.97 13.92
N ALA A 254 -6.09 -12.91 13.33
CA ALA A 254 -5.60 -11.70 12.66
C ALA A 254 -6.57 -11.24 11.55
N ARG A 255 -7.01 -12.13 10.69
CA ARG A 255 -7.92 -11.79 9.62
CA ARG A 255 -7.92 -11.79 9.62
C ARG A 255 -9.26 -11.31 10.15
N ALA A 256 -9.84 -12.03 11.12
CA ALA A 256 -11.10 -11.64 11.65
C ALA A 256 -11.06 -10.27 12.33
N THR A 257 -9.97 -10.02 13.03
CA THR A 257 -9.81 -8.79 13.76
C THR A 257 -9.62 -7.64 12.77
N LYS A 258 -8.80 -7.81 11.72
CA LYS A 258 -8.67 -6.74 10.73
C LYS A 258 -10.03 -6.38 10.10
N GLU A 259 -10.80 -7.41 9.74
CA GLU A 259 -12.15 -7.21 9.20
C GLU A 259 -13.02 -6.42 10.16
N LEU A 260 -12.95 -6.70 11.45
CA LEU A 260 -13.72 -5.91 12.42
C LEU A 260 -13.28 -4.46 12.50
N LEU A 261 -11.98 -4.24 12.51
CA LEU A 261 -11.43 -2.92 12.64
C LEU A 261 -11.79 -2.02 11.45
N LEU A 262 -11.79 -2.63 10.26
CA LEU A 262 -12.16 -1.87 9.06
C LEU A 262 -13.60 -1.40 9.05
N GLN A 263 -14.50 -2.02 9.81
CA GLN A 263 -15.88 -1.65 9.85
C GLN A 263 -16.22 -0.68 10.98
N ALA A 264 -15.31 -0.54 11.91
CA ALA A 264 -15.66 0.11 13.18
C ALA A 264 -16.01 1.57 12.99
N GLY A 265 -15.36 2.26 12.07
CA GLY A 265 -15.57 3.72 11.96
C GLY A 265 -16.94 4.07 11.40
N ARG A 266 -17.50 3.23 10.55
CA ARG A 266 -18.73 3.60 9.88
CA ARG A 266 -18.75 3.54 9.87
C ARG A 266 -19.97 2.97 10.58
N ASN A 267 -19.78 1.97 11.42
CA ASN A 267 -20.87 1.38 12.15
C ASN A 267 -21.23 2.21 13.41
N ASP A 268 -22.48 2.17 13.81
CA ASP A 268 -22.80 2.71 15.17
C ASP A 268 -22.32 1.68 16.18
N LEU A 269 -22.32 2.08 17.46
CA LEU A 269 -21.71 1.20 18.48
C LEU A 269 -22.50 -0.11 18.65
N ALA A 270 -23.81 0.00 18.65
CA ALA A 270 -24.66 -1.23 18.75
C ALA A 270 -24.33 -2.25 17.68
N THR A 271 -24.24 -1.73 16.46
CA THR A 271 -23.92 -2.58 15.33
C THR A 271 -22.56 -3.17 15.44
N GLN A 272 -21.58 -2.35 15.82
CA GLN A 272 -20.26 -2.91 15.96
C GLN A 272 -20.14 -3.95 17.03
N ALA A 273 -20.86 -3.79 18.10
CA ALA A 273 -20.88 -4.83 19.14
C ALA A 273 -21.47 -6.11 18.58
N ARG A 274 -22.52 -6.00 17.76
CA ARG A 274 -23.10 -7.18 17.18
CA ARG A 274 -23.10 -7.20 17.17
C ARG A 274 -22.10 -7.88 16.23
N VAL A 275 -21.41 -7.14 15.39
CA VAL A 275 -20.41 -7.64 14.46
CA VAL A 275 -20.45 -7.78 14.47
C VAL A 275 -19.26 -8.36 15.20
N GLU A 276 -18.83 -7.74 16.28
CA GLU A 276 -17.76 -8.30 17.13
C GLU A 276 -18.21 -9.69 17.68
N ARG A 277 -19.40 -9.75 18.18
CA ARG A 277 -19.84 -11.02 18.79
C ARG A 277 -20.08 -12.13 17.75
N THR A 278 -20.53 -11.72 16.59
CA THR A 278 -20.69 -12.66 15.50
C THR A 278 -19.34 -13.22 15.11
N ALA A 279 -18.34 -12.35 15.05
CA ALA A 279 -16.99 -12.81 14.73
C ALA A 279 -16.43 -13.75 15.83
N GLN A 280 -16.74 -13.46 17.10
CA GLN A 280 -16.22 -14.28 18.21
C GLN A 280 -16.86 -15.64 18.17
N LEU A 281 -18.13 -15.73 17.80
CA LEU A 281 -18.78 -17.01 17.70
C LEU A 281 -18.09 -17.90 16.67
N ALA A 282 -17.68 -17.32 15.54
CA ALA A 282 -16.95 -18.08 14.54
C ALA A 282 -15.57 -18.49 15.06
N ARG A 283 -14.89 -17.63 15.84
CA ARG A 283 -13.59 -18.04 16.40
CA ARG A 283 -13.59 -18.04 16.40
C ARG A 283 -13.75 -19.19 17.38
N LEU A 284 -14.77 -19.10 18.22
CA LEU A 284 -14.99 -20.13 19.23
C LEU A 284 -15.35 -21.43 18.56
N ALA A 285 -16.12 -21.35 17.48
CA ALA A 285 -16.49 -22.57 16.77
C ALA A 285 -15.28 -23.26 16.13
N GLU A 286 -14.39 -22.50 15.53
CA GLU A 286 -13.15 -23.04 14.97
C GLU A 286 -12.21 -23.57 16.06
N LEU A 287 -12.08 -22.85 17.17
CA LEU A 287 -11.22 -23.31 18.25
C LEU A 287 -11.77 -24.59 18.86
N ALA A 288 -13.08 -24.73 18.90
CA ALA A 288 -13.73 -25.97 19.40
C ALA A 288 -13.48 -27.16 18.47
N LYS A 289 -13.45 -26.92 17.16
CA LYS A 289 -13.11 -27.99 16.20
C LYS A 289 -11.67 -28.54 16.39
N ALA A 290 -10.72 -27.68 16.73
CA ALA A 290 -9.31 -28.10 16.80
C ALA A 290 -9.03 -28.94 18.04
N1A ACO B . 9.48 10.21 -13.98
C2A ACO B . 10.57 9.91 -14.74
N3A ACO B . 11.84 9.95 -14.33
C4A ACO B . 12.10 10.34 -13.07
C5A ACO B . 10.99 10.65 -12.14
C6A ACO B . 9.62 10.55 -12.68
N6A ACO B . 8.54 10.84 -11.90
N7A ACO B . 11.57 11.00 -10.97
C8A ACO B . 12.92 10.92 -11.09
N9A ACO B . 13.21 10.52 -12.37
C1B ACO B . 14.58 10.30 -12.90
C2B ACO B . 15.23 11.66 -13.09
O2B ACO B . 14.73 12.21 -14.30
C3B ACO B . 16.68 11.27 -13.08
O3B ACO B . 17.02 10.72 -14.36
P3B ACO B . 18.57 10.91 -14.95
O7A ACO B . 19.49 10.16 -14.04
O8A ACO B . 18.76 12.40 -14.90
O9A ACO B . 18.45 10.29 -16.31
C4B ACO B . 16.74 10.13 -12.07
O4B ACO B . 15.41 9.67 -11.94
C5B ACO B . 17.22 10.58 -10.73
O5B ACO B . 16.43 11.69 -10.29
P1A ACO B . 17.01 13.00 -9.67
O1A ACO B . 18.38 13.31 -10.31
O2A ACO B . 15.87 13.98 -9.84
O3A ACO B . 17.24 12.65 -8.07
P2A ACO B . 17.05 13.63 -6.86
O4A ACO B . 17.44 12.77 -5.70
O5A ACO B . 17.75 15.00 -7.12
O6A ACO B . 15.47 13.93 -6.62
CBP ACO B . 13.14 13.37 -6.61
CCP ACO B . 14.57 12.83 -6.47
CDP ACO B . 12.85 14.35 -5.49
CEP ACO B . 12.22 12.15 -6.59
CAP ACO B . 13.00 14.07 -8.00
OAP ACO B . 13.51 13.17 -9.01
C9P ACO B . 11.53 14.43 -8.35
O9P ACO B . 11.04 15.40 -7.78
N8P ACO B . 10.93 13.67 -9.28
C7P ACO B . 9.58 13.88 -9.89
C6P ACO B . 8.46 13.67 -8.86
C5P ACO B . 7.05 14.13 -9.32
O5P ACO B . 6.92 15.38 -9.47
N4P ACO B . 5.99 13.22 -9.40
C3P ACO B . 4.52 13.51 -9.68
C2P ACO B . 3.23 12.86 -8.97
S1P ACO B . 2.37 11.24 -9.01
C ACT C . -4.06 8.47 -13.25
O ACT C . -3.76 7.55 -12.47
OXT ACT C . -5.27 8.83 -13.39
CH3 ACT C . -2.98 9.14 -14.04
#